data_3GX4
#
_entry.id   3GX4
#
_cell.length_a   59.728
_cell.length_b   59.728
_cell.length_c   238.028
_cell.angle_alpha   90.000
_cell.angle_beta   90.000
_cell.angle_gamma   120.000
#
_symmetry.space_group_name_H-M   'P 61 2 2'
#
loop_
_entity.id
_entity.type
_entity.pdbx_description
1 polymer 'Alkyltransferase-like protein 1'
2 polymer "DNA (5'-D(*GP*CP*CP*AP*TP*GP*(6OG)P*CP*TP*AP*GP*TP*A)-3')"
3 polymer "DNA (5'-D(*CP*TP*AP*CP*TP*AP*GP*CP*CP*AP*TP*GP*G)-3')"
4 non-polymer 'COBALT HEXAMMINE(III)'
5 water water
#
loop_
_entity_poly.entity_id
_entity_poly.type
_entity_poly.pdbx_seq_one_letter_code
_entity_poly.pdbx_strand_id
1 'polypeptide(L)'
;MRMDEFYTKVYDAVCEIPYGKVSTYGEIARYVGMPSYARQVGQAMKHLHPETHVPWHRVINSRGTISKRDISAGEQRQKD
RLEEEGVEIYQTSLGEYKLNLPEYMWKPGSHHHHHH
;
X
2 'polydeoxyribonucleotide' (DG)(DC)(DC)(DA)(DT)(DG)(6OG)(DC)(DT)(DA)(DG)(DT)(DA) Y
3 'polydeoxyribonucleotide' (DC)(DT)(DA)(DC)(DT)(DA)(DG)(DC)(DC)(DA)(DT)(DG)(DG) Z
#
loop_
_chem_comp.id
_chem_comp.type
_chem_comp.name
_chem_comp.formula
6OG DNA linking '6-O-METHYL GUANOSINE-5'-MONOPHOSPHATE' 'C11 H16 N5 O7 P'
DA DNA linking 2'-DEOXYADENOSINE-5'-MONOPHOSPHATE 'C10 H14 N5 O6 P'
DC DNA linking 2'-DEOXYCYTIDINE-5'-MONOPHOSPHATE 'C9 H14 N3 O7 P'
DG DNA linking 2'-DEOXYGUANOSINE-5'-MONOPHOSPHATE 'C10 H14 N5 O7 P'
DT DNA linking THYMIDINE-5'-MONOPHOSPHATE 'C10 H15 N2 O8 P'
NCO non-polymer 'COBALT HEXAMMINE(III)' 'Co H18 N6 3'
#
# COMPACT_ATOMS: atom_id res chain seq x y z
N MET A 1 10.36 20.09 5.80
CA MET A 1 9.37 20.04 4.67
C MET A 1 7.79 20.06 5.04
N ARG A 2 6.94 20.17 4.03
CA ARG A 2 5.59 20.35 4.38
C ARG A 2 4.71 19.36 3.65
N MET A 3 3.51 19.30 4.15
CA MET A 3 2.66 18.19 3.95
C MET A 3 2.29 18.04 2.48
N ASP A 4 2.32 19.04 1.62
CA ASP A 4 2.12 18.69 0.26
C ASP A 4 3.40 18.21 -0.42
N GLU A 5 4.58 18.51 0.13
CA GLU A 5 5.84 18.08 -0.54
C GLU A 5 5.75 16.64 -0.23
N PHE A 6 5.49 16.43 1.07
CA PHE A 6 5.37 15.10 1.52
C PHE A 6 4.39 14.27 0.64
N TYR A 7 3.14 14.70 0.57
CA TYR A 7 2.24 13.92 -0.23
C TYR A 7 2.81 13.67 -1.59
N THR A 8 3.43 14.68 -2.27
CA THR A 8 4.11 14.37 -3.59
C THR A 8 5.13 13.31 -3.48
N LYS A 9 6.09 13.39 -2.57
CA LYS A 9 7.16 12.38 -2.67
C LYS A 9 6.53 10.99 -2.54
N VAL A 10 5.65 10.86 -1.60
CA VAL A 10 5.04 9.62 -1.49
C VAL A 10 4.40 9.17 -2.80
N TYR A 11 3.62 10.01 -3.46
CA TYR A 11 3.19 9.49 -4.73
C TYR A 11 4.34 9.26 -5.79
N ASP A 12 5.40 10.03 -5.81
CA ASP A 12 6.44 9.56 -6.64
C ASP A 12 6.88 8.24 -6.14
N ALA A 13 7.08 8.03 -4.83
CA ALA A 13 7.50 6.65 -4.41
C ALA A 13 6.64 5.50 -5.04
N VAL A 14 5.33 5.62 -4.86
CA VAL A 14 4.43 4.55 -4.97
C VAL A 14 4.35 4.26 -6.37
N CYS A 15 4.35 5.33 -7.14
CA CYS A 15 4.34 5.18 -8.54
C CYS A 15 5.40 4.30 -9.00
N GLU A 16 6.52 4.20 -8.22
CA GLU A 16 7.68 3.43 -8.60
C GLU A 16 7.54 1.91 -8.49
N ILE A 17 6.45 1.46 -7.83
CA ILE A 17 6.41 0.06 -7.47
C ILE A 17 6.10 -0.75 -8.64
N PRO A 18 6.96 -1.73 -8.88
CA PRO A 18 6.79 -2.57 -10.09
C PRO A 18 5.42 -3.18 -9.99
N TYR A 19 4.68 -3.13 -11.09
CA TYR A 19 3.54 -3.99 -11.23
C TYR A 19 3.73 -5.38 -10.53
N GLY A 20 2.76 -5.87 -9.77
CA GLY A 20 2.79 -7.28 -9.38
C GLY A 20 3.78 -7.48 -8.22
N LYS A 21 4.47 -6.41 -7.77
CA LYS A 21 5.29 -6.37 -6.54
C LYS A 21 4.54 -5.46 -5.58
N VAL A 22 4.96 -5.51 -4.30
CA VAL A 22 4.37 -4.53 -3.37
C VAL A 22 5.27 -3.79 -2.38
N SER A 23 4.73 -2.77 -1.73
CA SER A 23 5.48 -2.29 -0.66
C SER A 23 4.64 -2.02 0.62
N THR A 24 5.36 -1.69 1.70
CA THR A 24 4.82 -1.39 2.96
C THR A 24 4.68 0.11 3.36
N TYR A 25 3.61 0.38 4.11
CA TYR A 25 3.29 1.79 4.57
C TYR A 25 4.48 2.42 5.09
N GLY A 26 4.94 1.78 6.16
CA GLY A 26 6.23 2.05 6.82
C GLY A 26 7.45 2.16 5.97
N GLU A 27 7.68 1.30 5.01
CA GLU A 27 8.84 1.49 4.13
C GLU A 27 8.89 2.73 3.35
N ILE A 28 7.73 3.16 2.93
CA ILE A 28 7.69 4.33 2.12
C ILE A 28 7.96 5.47 3.06
N ALA A 29 7.37 5.42 4.24
CA ALA A 29 7.68 6.46 5.22
C ALA A 29 9.19 6.63 5.20
N ARG A 30 9.89 5.57 5.58
CA ARG A 30 11.36 5.54 5.44
C ARG A 30 11.95 6.05 4.08
N TYR A 31 11.60 5.41 3.00
CA TYR A 31 12.06 5.90 1.69
C TYR A 31 11.96 7.41 1.40
N VAL A 32 10.91 8.06 1.77
CA VAL A 32 10.89 9.48 1.46
C VAL A 32 11.50 10.34 2.56
N GLY A 33 12.13 9.72 3.56
CA GLY A 33 12.99 10.46 4.51
C GLY A 33 12.16 10.70 5.72
N MET A 34 11.04 10.02 5.75
CA MET A 34 10.13 10.33 6.84
C MET A 34 9.85 9.13 7.74
N PRO A 35 10.89 8.65 8.37
CA PRO A 35 10.91 7.29 8.98
C PRO A 35 9.71 7.25 9.93
N SER A 36 9.19 8.35 10.47
CA SER A 36 8.06 8.08 11.45
C SER A 36 6.59 8.31 10.95
N TYR A 37 6.45 8.68 9.68
CA TYR A 37 5.16 9.04 9.09
C TYR A 37 4.43 7.90 8.45
N ALA A 38 4.46 6.73 9.03
CA ALA A 38 3.85 5.61 8.34
C ALA A 38 2.32 5.84 8.29
N ARG A 39 1.71 6.24 9.44
CA ARG A 39 0.36 6.61 9.44
C ARG A 39 0.06 7.67 8.33
N GLN A 40 0.93 8.63 8.04
CA GLN A 40 0.45 9.60 7.06
C GLN A 40 0.72 9.09 5.66
N VAL A 41 1.66 8.13 5.67
CA VAL A 41 1.64 7.37 4.40
C VAL A 41 0.21 6.82 4.14
N GLY A 42 -0.52 6.40 5.18
CA GLY A 42 -1.80 5.69 4.99
C GLY A 42 -2.65 6.77 4.40
N GLN A 43 -2.75 7.95 5.05
CA GLN A 43 -3.73 8.97 4.65
C GLN A 43 -3.36 9.49 3.25
N ALA A 44 -2.12 9.66 2.88
CA ALA A 44 -1.93 10.15 1.52
C ALA A 44 -2.65 9.25 0.57
N MET A 45 -2.64 7.95 0.95
CA MET A 45 -3.26 6.97 0.06
C MET A 45 -4.75 7.09 0.14
N LYS A 46 -5.23 7.06 1.37
CA LYS A 46 -6.55 7.33 1.50
C LYS A 46 -6.91 8.50 0.57
N HIS A 47 -6.28 9.64 0.50
CA HIS A 47 -6.98 10.67 -0.32
C HIS A 47 -6.85 10.64 -1.78
N LEU A 48 -6.82 9.56 -2.47
CA LEU A 48 -6.65 9.88 -3.81
C LEU A 48 -7.97 9.93 -4.56
N HIS A 49 -7.98 10.62 -5.67
CA HIS A 49 -9.22 10.50 -6.36
C HIS A 49 -9.44 9.07 -6.91
N PRO A 50 -10.70 8.63 -6.87
CA PRO A 50 -10.61 7.29 -7.36
C PRO A 50 -10.27 7.29 -8.90
N GLU A 51 -9.53 8.26 -9.43
CA GLU A 51 -9.25 8.25 -10.91
C GLU A 51 -7.85 7.69 -11.06
N THR A 52 -7.14 7.97 -9.96
CA THR A 52 -5.73 8.02 -9.98
C THR A 52 -5.05 6.86 -10.70
N HIS A 53 -4.07 7.25 -11.46
CA HIS A 53 -3.05 6.36 -11.89
C HIS A 53 -2.04 5.90 -10.78
N VAL A 54 -2.21 6.22 -9.52
CA VAL A 54 -1.21 5.77 -8.59
C VAL A 54 -1.66 4.45 -7.97
N PRO A 55 -0.74 3.44 -7.97
CA PRO A 55 -0.99 2.08 -7.61
C PRO A 55 -1.25 1.93 -6.11
N TRP A 56 -2.13 2.76 -5.51
CA TRP A 56 -2.27 2.68 -4.06
C TRP A 56 -2.43 1.18 -3.51
N HIS A 57 -2.92 0.29 -4.40
CA HIS A 57 -3.22 -1.09 -4.02
C HIS A 57 -1.95 -1.88 -3.80
N ARG A 58 -0.76 -1.34 -4.21
CA ARG A 58 0.52 -2.01 -3.94
C ARG A 58 1.18 -1.66 -2.60
N VAL A 59 0.36 -0.94 -1.87
CA VAL A 59 0.74 -0.54 -0.57
C VAL A 59 0.01 -1.27 0.51
N ILE A 60 0.73 -1.97 1.40
CA ILE A 60 0.08 -2.74 2.48
C ILE A 60 0.77 -2.61 3.89
N ASN A 61 0.22 -3.38 4.84
CA ASN A 61 0.55 -3.12 6.13
C ASN A 61 1.80 -3.95 6.45
N SER A 62 2.56 -3.53 7.44
CA SER A 62 3.90 -4.06 7.41
C SER A 62 3.96 -5.54 7.85
N ARG A 63 2.86 -6.20 8.25
CA ARG A 63 2.79 -7.69 8.38
C ARG A 63 2.37 -8.28 7.07
N GLY A 64 2.33 -7.51 6.02
CA GLY A 64 2.03 -8.21 4.80
C GLY A 64 0.60 -8.62 4.55
N THR A 65 -0.31 -8.00 5.28
CA THR A 65 -1.76 -8.12 5.01
C THR A 65 -2.44 -6.83 4.49
N ILE A 66 -3.78 -6.82 4.41
CA ILE A 66 -4.41 -5.66 3.76
C ILE A 66 -5.15 -5.02 4.87
N SER A 67 -5.10 -3.68 4.90
CA SER A 67 -5.46 -3.02 6.15
C SER A 67 -6.92 -2.89 6.30
N LYS A 68 -7.38 -3.09 7.53
CA LYS A 68 -8.82 -3.26 7.73
C LYS A 68 -9.46 -2.00 7.39
N ARG A 69 -8.80 -0.89 7.19
CA ARG A 69 -9.61 0.08 6.36
C ARG A 69 -11.05 0.24 6.79
N ASP A 70 -11.26 -0.15 8.04
CA ASP A 70 -12.45 0.14 8.93
C ASP A 70 -13.60 0.65 8.20
N ILE A 71 -13.96 1.89 8.51
CA ILE A 71 -15.06 2.44 7.81
C ILE A 71 -15.33 1.28 6.73
N SER A 72 -16.20 0.28 7.03
CA SER A 72 -16.65 -0.64 5.93
C SER A 72 -15.59 -1.62 5.09
N ALA A 73 -16.09 -2.68 4.40
CA ALA A 73 -15.33 -3.73 3.73
C ALA A 73 -14.68 -3.36 2.30
N GLY A 74 -15.20 -2.40 1.55
CA GLY A 74 -14.54 -1.86 0.36
C GLY A 74 -13.12 -2.12 -0.19
N GLU A 75 -11.97 -1.90 0.57
CA GLU A 75 -10.61 -2.76 0.47
C GLU A 75 -10.64 -4.36 0.14
N GLN A 76 -11.87 -4.96 0.00
CA GLN A 76 -12.03 -6.05 -0.96
C GLN A 76 -11.36 -5.55 -2.25
N ARG A 77 -11.67 -4.31 -2.51
CA ARG A 77 -11.15 -3.74 -3.67
C ARG A 77 -9.70 -3.84 -3.88
N GLN A 78 -8.90 -3.61 -2.81
CA GLN A 78 -7.43 -3.77 -2.91
C GLN A 78 -7.05 -5.18 -3.30
N LYS A 79 -7.62 -6.20 -2.63
CA LYS A 79 -7.27 -7.59 -2.99
C LYS A 79 -7.66 -7.89 -4.46
N ASP A 80 -8.84 -7.41 -4.92
CA ASP A 80 -9.37 -7.93 -6.13
C ASP A 80 -8.44 -7.46 -7.17
N ARG A 81 -7.61 -6.53 -6.67
CA ARG A 81 -6.82 -5.69 -7.56
C ARG A 81 -5.43 -6.23 -7.71
N LEU A 82 -4.90 -6.57 -6.56
CA LEU A 82 -3.62 -7.18 -6.55
C LEU A 82 -3.65 -8.57 -7.19
N GLU A 83 -4.81 -9.25 -7.09
CA GLU A 83 -4.97 -10.51 -7.79
C GLU A 83 -5.01 -10.14 -9.25
N GLU A 84 -5.42 -8.94 -9.68
CA GLU A 84 -5.43 -8.74 -11.14
C GLU A 84 -4.01 -8.65 -11.61
N GLU A 85 -3.07 -8.66 -10.70
CA GLU A 85 -1.67 -8.61 -11.14
C GLU A 85 -1.13 -9.87 -10.74
N GLY A 86 -1.95 -10.91 -10.83
CA GLY A 86 -1.51 -12.27 -10.58
C GLY A 86 -0.84 -12.46 -9.19
N VAL A 87 -0.95 -11.50 -8.27
CA VAL A 87 -0.39 -11.70 -6.95
C VAL A 87 -1.21 -12.73 -6.24
N GLU A 88 -0.62 -13.53 -5.36
CA GLU A 88 -1.44 -14.53 -4.82
C GLU A 88 -1.80 -14.13 -3.45
N ILE A 89 -3.04 -14.31 -3.06
CA ILE A 89 -3.46 -13.88 -1.72
C ILE A 89 -4.26 -14.92 -1.06
N TYR A 90 -4.07 -15.18 0.20
CA TYR A 90 -5.01 -16.04 0.86
C TYR A 90 -5.57 -15.34 2.09
N GLN A 91 -6.14 -16.12 2.98
CA GLN A 91 -7.13 -15.62 3.97
C GLN A 91 -6.85 -16.14 5.30
N THR A 92 -7.39 -15.56 6.32
CA THR A 92 -7.10 -15.99 7.68
C THR A 92 -8.44 -16.54 8.24
N SER A 93 -8.32 -17.57 9.06
CA SER A 93 -9.28 -17.82 10.12
C SER A 93 -9.61 -16.36 10.58
N LEU A 94 -10.82 -15.84 10.52
CA LEU A 94 -10.81 -14.35 10.71
C LEU A 94 -10.27 -13.54 9.49
N GLY A 95 -11.08 -13.26 8.46
CA GLY A 95 -10.78 -12.29 7.37
C GLY A 95 -9.33 -12.03 6.86
N GLU A 96 -8.54 -11.26 7.59
CA GLU A 96 -7.23 -10.81 7.08
C GLU A 96 -6.85 -11.41 5.66
N TYR A 97 -7.14 -10.65 4.60
CA TYR A 97 -6.61 -10.98 3.32
C TYR A 97 -5.16 -10.89 3.52
N LYS A 98 -4.34 -11.74 2.84
CA LYS A 98 -2.91 -11.76 3.20
C LYS A 98 -1.90 -12.40 2.22
N LEU A 99 -0.62 -12.07 2.35
CA LEU A 99 0.35 -12.53 1.32
C LEU A 99 1.77 -12.84 1.81
N ASN A 100 2.62 -13.30 0.88
CA ASN A 100 3.96 -13.66 1.19
C ASN A 100 4.86 -12.51 1.02
N LEU A 101 5.40 -11.97 2.11
CA LEU A 101 5.86 -10.61 1.89
C LEU A 101 7.16 -10.63 1.22
N PRO A 102 8.04 -11.49 1.75
CA PRO A 102 9.38 -11.67 1.24
C PRO A 102 9.22 -12.03 -0.28
N GLU A 103 8.21 -12.75 -0.72
CA GLU A 103 8.15 -12.98 -2.16
C GLU A 103 7.76 -11.79 -2.95
N TYR A 104 6.74 -11.05 -2.54
CA TYR A 104 6.26 -9.87 -3.28
C TYR A 104 6.77 -8.51 -2.91
N MET A 105 7.53 -8.42 -1.82
CA MET A 105 7.93 -7.13 -1.49
C MET A 105 8.81 -6.51 -2.55
N TRP A 106 8.71 -5.22 -2.83
CA TRP A 106 9.61 -4.61 -3.78
C TRP A 106 10.95 -4.22 -3.11
N LYS A 107 12.05 -4.92 -3.36
CA LYS A 107 13.27 -4.60 -2.58
C LYS A 107 14.26 -3.94 -3.48
N PRO A 108 14.31 -2.58 -3.53
CA PRO A 108 15.05 -1.96 -4.64
C PRO A 108 16.47 -1.68 -4.21
P 6OG B 7 -8.29 4.93 8.25
OP1 6OG B 7 -7.92 5.82 7.07
OP2 6OG B 7 -9.49 4.03 7.86
O5' 6OG B 7 -7.21 3.90 8.55
N9 6OG B 7 -5.80 2.66 4.08
C4 6OG B 7 -5.44 2.59 2.78
N3 6OG B 7 -4.41 1.97 2.15
C2 6OG B 7 -4.14 1.99 0.81
N2 6OG B 7 -3.08 1.28 0.43
N1 6OG B 7 -4.89 2.64 -0.09
C6 6OG B 7 -5.94 3.32 0.45
O6 6OG B 7 -6.74 3.98 -0.46
C5 6OG B 7 -6.24 3.30 1.96
N7 6OG B 7 -7.18 3.80 2.77
C8 6OG B 7 -6.91 3.46 4.10
C2' 6OG B 7 -4.69 3.10 6.19
C5' 6OG B 7 -6.88 3.24 7.28
C4' 6OG B 7 -6.05 1.94 7.44
O4' 6OG B 7 -6.20 1.40 6.13
C1' 6OG B 7 -5.18 2.00 5.27
C3' 6OG B 7 -4.60 2.42 7.49
O3' 6OG B 7 -3.58 1.45 7.19
C 6OG B 7 -6.27 4.42 -1.68
CO NCO D . -3.96 5.21 10.36
N1 NCO D . -2.24 5.94 9.64
N2 NCO D . -3.45 5.10 12.28
N3 NCO D . -5.69 4.37 10.83
N4 NCO D . -4.41 5.45 8.41
N5 NCO D . -4.71 7.05 10.60
N6 NCO D . -3.43 3.28 10.16
CO NCO E . -6.78 23.24 14.27
N1 NCO E . -6.68 25.31 13.83
N2 NCO E . -5.17 24.06 15.29
N3 NCO E . -6.72 21.20 14.77
N4 NCO E . -8.19 22.47 13.00
N5 NCO E . -8.15 23.81 15.68
N6 NCO E . -5.02 22.63 13.24
#